data_6SP5
#
_entry.id   6SP5
#
_cell.length_a   70.188
_cell.length_b   68.121
_cell.length_c   83.916
_cell.angle_alpha   90.000
_cell.angle_beta   104.820
_cell.angle_gamma   90.000
#
_symmetry.space_group_name_H-M   'P 1 21 1'
#
loop_
_entity.id
_entity.type
_entity.pdbx_description
1 polymer 'Haloalkane dehalogenase'
2 non-polymer 2-[3-(2-HYDROXY-1,1-DIHYDROXYMETHYL-ETHYLAMINO)-PROPYLAMINO]-2-HYDROXYMETHYL-PROPANE-1,3-DIOL
3 non-polymer 'THIOCYANATE ION'
4 non-polymer GLYCEROL
5 water water
#
_entity_poly.entity_id   1
_entity_poly.type   'polypeptide(L)'
_entity_poly.pdbx_seq_one_letter_code
;EIGTGFPFDPHYVEVLGSRMHYVDVGPRDGTPVLFLHGNPTSSYLWRNIIPHVAPSHRCIAPDLIGMGKSDKPDLDYRFD
DHVRYLDAFIEALGLEEVVLVIHDWGSALGFHWAKRNPERVKGIAFMEFIRPIPTWDEWPEFARELFQAFRTPDVGRELI
IDQNAFIEGILPKFVVRPLTEVEMDHYREPFLKPVWREPLWRFPNELPIAGEPANIWALVEAYMNWLHQSPVPKLLFWGT
PGVLIPPAEAARLAESLPNLKTVFIGPGLHYLQEDNPDLIGSEIARWLPAL
;
_entity_poly.pdbx_strand_id   A,B
#
loop_
_chem_comp.id
_chem_comp.type
_chem_comp.name
_chem_comp.formula
B3P non-polymer 2-[3-(2-HYDROXY-1,1-DIHYDROXYMETHYL-ETHYLAMINO)-PROPYLAMINO]-2-HYDROXYMETHYL-PROPANE-1,3-DIOL 'C11 H26 N2 O6'
GOL non-polymer GLYCEROL 'C3 H8 O3'
SCN non-polymer 'THIOCYANATE ION' 'C N S -1'
#
# COMPACT_ATOMS: atom_id res chain seq x y z
N GLU A 1 16.72 -21.17 -32.33
CA GLU A 1 15.62 -22.02 -31.88
C GLU A 1 15.66 -22.18 -30.35
N ILE A 2 14.51 -22.01 -29.70
CA ILE A 2 14.48 -21.95 -28.24
C ILE A 2 14.36 -23.35 -27.66
N GLY A 3 15.31 -23.72 -26.81
CA GLY A 3 15.38 -25.09 -26.32
C GLY A 3 14.21 -25.41 -25.39
N THR A 4 13.71 -26.63 -25.51
CA THR A 4 12.64 -27.08 -24.65
C THR A 4 13.11 -28.05 -23.57
N GLY A 5 14.35 -28.54 -23.66
CA GLY A 5 14.82 -29.51 -22.69
C GLY A 5 15.28 -28.88 -21.39
N PHE A 6 15.39 -29.73 -20.38
CA PHE A 6 15.87 -29.33 -19.05
C PHE A 6 17.00 -30.27 -18.68
N PRO A 7 18.22 -30.01 -19.18
CA PRO A 7 19.34 -30.95 -19.00
C PRO A 7 20.18 -30.63 -17.76
N PHE A 8 19.52 -30.59 -16.61
CA PHE A 8 20.19 -30.29 -15.35
C PHE A 8 19.92 -31.42 -14.37
N ASP A 9 20.99 -31.96 -13.80
CA ASP A 9 20.84 -32.95 -12.75
C ASP A 9 20.14 -32.33 -11.56
N PRO A 10 19.27 -33.07 -10.88
CA PRO A 10 18.61 -32.51 -9.69
C PRO A 10 19.56 -32.47 -8.50
N HIS A 11 19.46 -31.38 -7.75
CA HIS A 11 20.06 -31.26 -6.44
C HIS A 11 18.96 -30.97 -5.43
N TYR A 12 19.08 -31.53 -4.24
CA TYR A 12 18.11 -31.32 -3.19
C TYR A 12 18.82 -30.93 -1.91
N VAL A 13 18.17 -30.08 -1.13
CA VAL A 13 18.69 -29.65 0.17
C VAL A 13 17.52 -29.56 1.13
N GLU A 14 17.74 -29.98 2.38
CA GLU A 14 16.68 -29.91 3.37
C GLU A 14 16.60 -28.50 3.93
N VAL A 15 15.40 -27.92 3.87
CA VAL A 15 15.16 -26.55 4.30
C VAL A 15 13.91 -26.56 5.18
N LEU A 16 14.08 -26.18 6.45
CA LEU A 16 12.97 -26.06 7.40
C LEU A 16 12.11 -27.33 7.45
N GLY A 17 12.77 -28.49 7.30
CA GLY A 17 12.07 -29.76 7.34
C GLY A 17 11.52 -30.25 6.02
N SER A 18 11.68 -29.48 4.94
CA SER A 18 11.24 -29.87 3.61
C SER A 18 12.42 -29.95 2.66
N ARG A 19 12.23 -30.69 1.58
CA ARG A 19 13.24 -30.79 0.53
C ARG A 19 12.97 -29.70 -0.52
N MET A 20 14.01 -28.96 -0.89
CA MET A 20 13.93 -28.00 -1.99
C MET A 20 14.84 -28.45 -3.12
N HIS A 21 14.35 -28.40 -4.35
CA HIS A 21 15.14 -28.75 -5.51
C HIS A 21 15.83 -27.51 -6.08
N TYR A 22 17.03 -27.70 -6.63
CA TYR A 22 17.71 -26.61 -7.31
C TYR A 22 18.66 -27.14 -8.38
N VAL A 23 18.85 -26.31 -9.41
CA VAL A 23 19.92 -26.48 -10.39
C VAL A 23 21.21 -25.93 -9.80
N ASP A 24 22.33 -26.61 -10.06
CA ASP A 24 23.63 -26.14 -9.57
C ASP A 24 24.69 -26.59 -10.57
N VAL A 25 25.14 -25.65 -11.41
CA VAL A 25 26.11 -25.94 -12.46
C VAL A 25 27.16 -24.84 -12.45
N GLY A 26 28.18 -25.00 -13.27
CA GLY A 26 29.25 -24.02 -13.36
C GLY A 26 30.37 -24.29 -12.37
N PRO A 27 31.46 -23.52 -12.48
CA PRO A 27 32.61 -23.73 -11.58
C PRO A 27 32.22 -23.63 -10.12
N ARG A 28 32.93 -24.38 -9.27
CA ARG A 28 32.51 -24.52 -7.89
C ARG A 28 32.94 -23.36 -7.00
N ASP A 29 33.85 -22.51 -7.45
CA ASP A 29 34.28 -21.36 -6.70
C ASP A 29 33.85 -20.07 -7.42
N GLY A 30 34.37 -18.95 -6.95
CA GLY A 30 33.92 -17.64 -7.43
C GLY A 30 32.58 -17.25 -6.83
N THR A 31 32.06 -16.12 -7.32
CA THR A 31 30.77 -15.64 -6.84
C THR A 31 29.65 -16.40 -7.54
N PRO A 32 28.73 -17.00 -6.80
CA PRO A 32 27.60 -17.69 -7.43
C PRO A 32 26.56 -16.72 -7.93
N VAL A 33 25.85 -17.16 -8.97
CA VAL A 33 24.75 -16.41 -9.55
C VAL A 33 23.46 -17.15 -9.20
N LEU A 34 22.58 -16.48 -8.48
CA LEU A 34 21.36 -17.09 -7.96
C LEU A 34 20.16 -16.61 -8.78
N PHE A 35 19.49 -17.56 -9.45
CA PHE A 35 18.39 -17.26 -10.35
C PHE A 35 17.07 -17.56 -9.65
N LEU A 36 16.19 -16.56 -9.54
CA LEU A 36 14.93 -16.71 -8.82
C LEU A 36 13.73 -16.51 -9.75
N HIS A 37 12.93 -17.57 -9.92
CA HIS A 37 11.71 -17.55 -10.70
C HIS A 37 10.53 -17.04 -9.87
N GLY A 38 9.39 -16.87 -10.54
CA GLY A 38 8.17 -16.46 -9.90
C GLY A 38 6.99 -17.36 -10.26
N ASN A 39 5.82 -16.72 -10.47
CA ASN A 39 4.55 -17.41 -10.68
C ASN A 39 4.22 -17.58 -12.15
N PRO A 40 3.84 -18.78 -12.63
CA PRO A 40 3.73 -20.09 -11.98
C PRO A 40 4.85 -21.00 -12.46
N THR A 41 6.07 -20.50 -12.40
CA THR A 41 7.14 -21.15 -13.11
C THR A 41 8.04 -21.90 -12.12
N SER A 42 9.27 -22.16 -12.54
CA SER A 42 10.23 -22.91 -11.75
C SER A 42 11.60 -22.59 -12.35
N SER A 43 12.61 -23.35 -11.93
CA SER A 43 13.92 -23.19 -12.54
C SER A 43 13.89 -23.49 -14.04
N TYR A 44 12.85 -24.17 -14.51
CA TYR A 44 12.68 -24.41 -15.94
C TYR A 44 12.72 -23.11 -16.74
N LEU A 45 12.22 -22.03 -16.14
CA LEU A 45 12.21 -20.72 -16.82
C LEU A 45 13.61 -20.24 -17.18
N TRP A 46 14.64 -20.70 -16.47
CA TRP A 46 16.00 -20.23 -16.67
C TRP A 46 16.82 -21.16 -17.55
N ARG A 47 16.20 -22.20 -18.12
CA ARG A 47 16.94 -23.30 -18.75
C ARG A 47 17.79 -22.83 -19.93
N ASN A 48 17.35 -21.78 -20.63
CA ASN A 48 18.09 -21.29 -21.79
C ASN A 48 18.93 -20.07 -21.47
N ILE A 49 18.91 -19.60 -20.24
N ILE A 49 18.85 -19.59 -20.24
CA ILE A 49 19.76 -18.49 -19.82
CA ILE A 49 19.67 -18.49 -19.74
C ILE A 49 20.99 -18.98 -19.08
C ILE A 49 20.96 -19.01 -19.12
N ILE A 50 20.82 -19.96 -18.20
CA ILE A 50 21.92 -20.54 -17.43
C ILE A 50 23.09 -20.98 -18.31
N PRO A 51 22.89 -21.62 -19.47
CA PRO A 51 24.06 -22.07 -20.25
C PRO A 51 24.98 -20.96 -20.74
N HIS A 52 24.49 -19.71 -20.78
CA HIS A 52 25.37 -18.59 -21.11
C HIS A 52 26.26 -18.19 -19.93
N VAL A 53 25.86 -18.51 -18.71
CA VAL A 53 26.53 -18.02 -17.51
C VAL A 53 27.41 -19.13 -16.91
N ALA A 54 26.96 -20.37 -17.05
CA ALA A 54 27.65 -21.50 -16.44
C ALA A 54 29.11 -21.70 -16.89
N PRO A 55 29.54 -21.32 -18.10
CA PRO A 55 30.98 -21.43 -18.40
C PRO A 55 31.86 -20.65 -17.46
N SER A 56 31.37 -19.55 -16.89
CA SER A 56 32.21 -18.67 -16.09
C SER A 56 31.84 -18.59 -14.62
N HIS A 57 30.60 -18.90 -14.25
CA HIS A 57 30.12 -18.69 -12.89
C HIS A 57 29.28 -19.87 -12.45
N ARG A 58 29.30 -20.11 -11.14
CA ARG A 58 28.36 -21.05 -10.55
C ARG A 58 26.95 -20.49 -10.72
N CYS A 59 26.03 -21.34 -11.19
CA CYS A 59 24.63 -20.98 -11.37
C CYS A 59 23.78 -21.83 -10.44
N ILE A 60 22.98 -21.18 -9.60
CA ILE A 60 22.10 -21.84 -8.65
C ILE A 60 20.69 -21.35 -8.94
N ALA A 61 19.78 -22.28 -9.22
CA ALA A 61 18.40 -21.91 -9.53
C ALA A 61 17.46 -22.80 -8.71
N PRO A 62 16.97 -22.30 -7.57
CA PRO A 62 16.04 -23.09 -6.76
C PRO A 62 14.63 -23.04 -7.31
N ASP A 63 13.88 -24.09 -7.01
CA ASP A 63 12.43 -24.05 -7.13
C ASP A 63 11.87 -23.60 -5.79
N LEU A 64 11.08 -22.52 -5.82
CA LEU A 64 10.44 -22.03 -4.60
C LEU A 64 9.62 -23.13 -3.93
N ILE A 65 9.43 -23.00 -2.62
CA ILE A 65 8.69 -24.03 -1.89
C ILE A 65 7.28 -24.14 -2.48
N GLY A 66 6.80 -25.39 -2.60
CA GLY A 66 5.52 -25.63 -3.25
C GLY A 66 5.53 -25.52 -4.76
N MET A 67 6.70 -25.35 -5.39
CA MET A 67 6.78 -25.16 -6.83
C MET A 67 7.89 -26.04 -7.40
N GLY A 68 7.82 -26.23 -8.73
CA GLY A 68 8.82 -27.05 -9.40
C GLY A 68 8.91 -28.43 -8.79
N LYS A 69 10.13 -28.87 -8.53
CA LYS A 69 10.39 -30.17 -7.91
C LYS A 69 10.59 -30.07 -6.39
N SER A 70 10.32 -28.92 -5.80
CA SER A 70 10.44 -28.80 -4.35
C SER A 70 9.22 -29.41 -3.66
N ASP A 71 9.37 -29.65 -2.36
CA ASP A 71 8.30 -30.25 -1.59
C ASP A 71 7.10 -29.32 -1.51
N LYS A 72 5.98 -29.86 -1.03
CA LYS A 72 4.71 -29.15 -0.93
C LYS A 72 4.18 -29.23 0.49
N PRO A 73 4.83 -28.56 1.44
CA PRO A 73 4.35 -28.59 2.83
C PRO A 73 3.03 -27.85 2.98
N ASP A 74 2.40 -28.10 4.13
CA ASP A 74 1.11 -27.51 4.45
C ASP A 74 1.30 -26.08 4.96
N LEU A 75 1.59 -25.17 4.03
CA LEU A 75 1.81 -23.78 4.37
C LEU A 75 0.61 -22.92 3.99
N ASP A 76 0.56 -21.72 4.59
CA ASP A 76 -0.32 -20.70 4.05
C ASP A 76 0.03 -20.39 2.60
N TYR A 77 1.34 -20.39 2.28
CA TYR A 77 1.91 -19.92 1.02
C TYR A 77 1.71 -18.42 0.83
N ARG A 78 1.74 -17.68 1.93
CA ARG A 78 1.84 -16.24 1.83
C ARG A 78 3.29 -15.85 1.53
N PHE A 79 3.47 -14.59 1.11
CA PHE A 79 4.81 -14.14 0.71
C PHE A 79 5.83 -14.42 1.81
N ASP A 80 5.46 -14.17 3.07
CA ASP A 80 6.42 -14.38 4.16
C ASP A 80 6.87 -15.83 4.25
N ASP A 81 6.02 -16.80 3.87
CA ASP A 81 6.47 -18.19 3.85
C ASP A 81 7.60 -18.38 2.85
N HIS A 82 7.45 -17.80 1.65
CA HIS A 82 8.51 -17.87 0.67
C HIS A 82 9.77 -17.19 1.16
N VAL A 83 9.60 -16.06 1.86
CA VAL A 83 10.78 -15.38 2.41
C VAL A 83 11.54 -16.32 3.34
N ARG A 84 10.82 -16.97 4.25
CA ARG A 84 11.46 -17.85 5.22
C ARG A 84 12.20 -18.98 4.52
N TYR A 85 11.56 -19.63 3.54
CA TYR A 85 12.18 -20.78 2.90
C TYR A 85 13.37 -20.38 2.03
N LEU A 86 13.28 -19.26 1.30
CA LEU A 86 14.45 -18.83 0.53
C LEU A 86 15.59 -18.40 1.44
N ASP A 87 15.28 -17.71 2.53
CA ASP A 87 16.33 -17.33 3.48
C ASP A 87 17.06 -18.57 3.95
N ALA A 88 16.31 -19.60 4.31
CA ALA A 88 16.93 -20.80 4.85
C ALA A 88 17.64 -21.59 3.75
N PHE A 89 17.13 -21.53 2.53
CA PHE A 89 17.82 -22.17 1.40
C PHE A 89 19.20 -21.55 1.19
N ILE A 90 19.26 -20.21 1.16
CA ILE A 90 20.54 -19.55 0.93
C ILE A 90 21.55 -19.92 2.02
N GLU A 91 21.09 -19.95 3.28
CA GLU A 91 22.00 -20.32 4.36
C GLU A 91 22.37 -21.80 4.32
N ALA A 92 21.43 -22.66 3.89
CA ALA A 92 21.73 -24.09 3.82
C ALA A 92 22.82 -24.37 2.80
N LEU A 93 22.89 -23.59 1.73
CA LEU A 93 23.94 -23.73 0.73
C LEU A 93 25.22 -22.97 1.10
N GLY A 94 25.22 -22.25 2.22
CA GLY A 94 26.42 -21.56 2.66
C GLY A 94 26.85 -20.45 1.73
N LEU A 95 25.92 -19.86 0.99
CA LEU A 95 26.27 -18.78 0.10
C LEU A 95 26.68 -17.55 0.91
N GLU A 96 27.74 -16.89 0.47
CA GLU A 96 28.20 -15.70 1.14
C GLU A 96 27.82 -14.52 0.26
N GLU A 97 28.65 -14.12 -0.70
CA GLU A 97 28.29 -13.10 -1.66
C GLU A 97 27.61 -13.75 -2.86
N VAL A 98 26.66 -13.03 -3.47
N VAL A 98 26.68 -13.01 -3.49
CA VAL A 98 25.93 -13.56 -4.62
CA VAL A 98 25.86 -13.57 -4.57
C VAL A 98 25.69 -12.46 -5.63
C VAL A 98 25.59 -12.48 -5.60
N VAL A 99 25.47 -12.88 -6.86
CA VAL A 99 24.84 -12.06 -7.89
C VAL A 99 23.42 -12.58 -8.06
N LEU A 100 22.44 -11.68 -8.08
CA LEU A 100 21.05 -12.08 -8.22
C LEU A 100 20.58 -11.90 -9.66
N VAL A 101 19.84 -12.89 -10.17
CA VAL A 101 19.17 -12.78 -11.48
C VAL A 101 17.71 -13.15 -11.20
N ILE A 102 16.81 -12.16 -11.30
CA ILE A 102 15.50 -12.32 -10.66
C ILE A 102 14.36 -11.83 -11.55
N HIS A 103 13.18 -12.40 -11.33
CA HIS A 103 11.99 -12.20 -12.15
C HIS A 103 10.73 -12.34 -11.31
N ASP A 104 9.77 -11.44 -11.50
CA ASP A 104 8.41 -11.59 -10.93
C ASP A 104 8.51 -11.76 -9.40
N TRP A 105 7.80 -12.73 -8.80
CA TRP A 105 7.89 -12.88 -7.35
C TRP A 105 9.28 -13.29 -6.90
N GLY A 106 10.09 -13.90 -7.77
CA GLY A 106 11.49 -14.10 -7.46
C GLY A 106 12.23 -12.79 -7.28
N SER A 107 11.79 -11.73 -7.96
CA SER A 107 12.43 -10.43 -7.76
C SER A 107 12.00 -9.81 -6.44
N ALA A 108 10.73 -9.98 -6.04
CA ALA A 108 10.34 -9.48 -4.71
C ALA A 108 11.17 -10.18 -3.63
N LEU A 109 11.36 -11.50 -3.78
CA LEU A 109 12.18 -12.24 -2.82
C LEU A 109 13.63 -11.77 -2.90
N GLY A 110 14.15 -11.59 -4.11
CA GLY A 110 15.55 -11.22 -4.25
C GLY A 110 15.82 -9.81 -3.75
N PHE A 111 14.98 -8.85 -4.13
CA PHE A 111 15.20 -7.49 -3.68
C PHE A 111 15.03 -7.37 -2.18
N HIS A 112 14.05 -8.07 -1.61
CA HIS A 112 13.84 -8.03 -0.16
C HIS A 112 15.02 -8.66 0.57
N TRP A 113 15.59 -9.73 0.01
CA TRP A 113 16.80 -10.30 0.60
C TRP A 113 17.98 -9.35 0.49
N ALA A 114 18.11 -8.68 -0.68
CA ALA A 114 19.23 -7.76 -0.87
C ALA A 114 19.15 -6.59 0.09
N LYS A 115 17.95 -6.03 0.29
CA LYS A 115 17.80 -4.93 1.25
C LYS A 115 18.26 -5.33 2.65
N ARG A 116 17.99 -6.57 3.04
CA ARG A 116 18.33 -7.06 4.37
C ARG A 116 19.76 -7.55 4.45
N ASN A 117 20.43 -7.75 3.32
CA ASN A 117 21.77 -8.31 3.26
C ASN A 117 22.62 -7.56 2.24
N PRO A 118 22.69 -6.22 2.31
CA PRO A 118 23.23 -5.46 1.17
C PRO A 118 24.70 -5.72 0.92
N GLU A 119 25.46 -6.06 1.97
CA GLU A 119 26.88 -6.32 1.79
C GLU A 119 27.15 -7.60 1.03
N ARG A 120 26.14 -8.46 0.85
CA ARG A 120 26.32 -9.75 0.22
C ARG A 120 25.89 -9.77 -1.25
N VAL A 121 25.36 -8.67 -1.77
CA VAL A 121 24.88 -8.65 -3.15
C VAL A 121 25.88 -7.90 -4.01
N LYS A 122 26.48 -8.60 -4.96
CA LYS A 122 27.48 -8.01 -5.84
C LYS A 122 26.89 -7.38 -7.09
N GLY A 123 25.68 -7.77 -7.47
CA GLY A 123 25.01 -7.19 -8.63
C GLY A 123 23.63 -7.80 -8.71
N ILE A 124 22.74 -7.10 -9.42
CA ILE A 124 21.38 -7.58 -9.58
C ILE A 124 20.96 -7.40 -11.03
N ALA A 125 20.65 -8.50 -11.71
CA ALA A 125 20.01 -8.47 -13.00
C ALA A 125 18.54 -8.82 -12.80
N PHE A 126 17.65 -8.02 -13.40
CA PHE A 126 16.23 -8.21 -13.12
C PHE A 126 15.42 -7.85 -14.35
N MET A 127 14.18 -8.32 -14.36
CA MET A 127 13.29 -8.17 -15.50
C MET A 127 11.88 -8.45 -15.02
N GLU A 128 10.93 -7.66 -15.50
CA GLU A 128 9.50 -7.88 -15.23
C GLU A 128 9.30 -8.21 -13.76
N PHE A 129 9.76 -7.27 -12.93
CA PHE A 129 9.88 -7.43 -11.49
C PHE A 129 8.70 -6.78 -10.78
N ILE A 130 8.53 -7.13 -9.52
N ILE A 130 8.58 -7.10 -9.50
CA ILE A 130 7.40 -6.60 -8.76
CA ILE A 130 7.46 -6.60 -8.70
C ILE A 130 7.75 -5.21 -8.26
C ILE A 130 7.76 -5.19 -8.22
N ARG A 131 6.95 -4.23 -8.65
CA ARG A 131 7.00 -2.85 -8.21
C ARG A 131 5.62 -2.49 -7.69
N PRO A 132 5.50 -1.43 -6.91
CA PRO A 132 4.15 -0.97 -6.54
C PRO A 132 3.45 -0.34 -7.73
N ILE A 133 2.41 -0.98 -8.24
CA ILE A 133 1.72 -0.52 -9.44
C ILE A 133 0.63 0.45 -9.02
N PRO A 134 0.67 1.72 -9.47
CA PRO A 134 -0.18 2.74 -8.83
C PRO A 134 -1.65 2.59 -9.11
N THR A 135 -2.04 2.15 -10.31
N THR A 135 -2.02 2.09 -10.29
CA THR A 135 -3.44 2.01 -10.66
CA THR A 135 -3.40 2.06 -10.74
C THR A 135 -3.63 0.79 -11.54
C THR A 135 -3.62 0.82 -11.59
N TRP A 136 -4.87 0.34 -11.61
CA TRP A 136 -5.20 -0.74 -12.54
C TRP A 136 -5.06 -0.29 -13.98
N ASP A 137 -5.06 1.03 -14.24
CA ASP A 137 -4.82 1.53 -15.59
C ASP A 137 -3.44 1.17 -16.11
N GLU A 138 -2.47 0.96 -15.21
CA GLU A 138 -1.14 0.56 -15.65
C GLU A 138 -1.01 -0.93 -15.88
N TRP A 139 -2.03 -1.70 -15.52
CA TRP A 139 -2.07 -3.12 -15.84
C TRP A 139 -2.50 -3.30 -17.30
N PRO A 140 -1.93 -4.26 -18.02
CA PRO A 140 -2.33 -4.47 -19.42
C PRO A 140 -3.84 -4.67 -19.55
N GLU A 141 -4.44 -3.96 -20.50
CA GLU A 141 -5.90 -3.99 -20.61
C GLU A 141 -6.40 -5.41 -20.84
N PHE A 142 -5.70 -6.20 -21.67
CA PHE A 142 -6.20 -7.51 -22.03
C PHE A 142 -6.20 -8.48 -20.86
N ALA A 143 -5.50 -8.17 -19.78
CA ALA A 143 -5.42 -9.04 -18.61
C ALA A 143 -6.01 -8.41 -17.36
N ARG A 144 -6.61 -7.23 -17.48
CA ARG A 144 -7.08 -6.49 -16.31
C ARG A 144 -8.27 -7.18 -15.65
N GLU A 145 -9.30 -7.52 -16.43
CA GLU A 145 -10.46 -8.18 -15.83
C GLU A 145 -10.08 -9.52 -15.23
N LEU A 146 -9.15 -10.24 -15.86
CA LEU A 146 -8.73 -11.54 -15.34
C LEU A 146 -8.04 -11.41 -13.99
N PHE A 147 -7.10 -10.47 -13.87
CA PHE A 147 -6.38 -10.36 -12.61
C PHE A 147 -7.27 -9.76 -11.51
N GLN A 148 -8.23 -8.91 -11.88
CA GLN A 148 -9.22 -8.46 -10.90
C GLN A 148 -10.08 -9.64 -10.44
N ALA A 149 -10.40 -10.56 -11.34
CA ALA A 149 -11.16 -11.75 -10.95
C ALA A 149 -10.32 -12.68 -10.07
N PHE A 150 -9.01 -12.77 -10.32
CA PHE A 150 -8.16 -13.59 -9.46
C PHE A 150 -8.21 -13.11 -8.02
N ARG A 151 -8.35 -11.80 -7.83
CA ARG A 151 -8.35 -11.15 -6.53
C ARG A 151 -9.77 -10.93 -5.99
N THR A 152 -10.77 -11.56 -6.60
CA THR A 152 -12.17 -11.49 -6.16
C THR A 152 -12.50 -12.73 -5.35
N PRO A 153 -13.14 -12.59 -4.18
CA PRO A 153 -13.46 -13.76 -3.36
C PRO A 153 -14.23 -14.82 -4.14
N ASP A 154 -13.85 -16.09 -3.92
CA ASP A 154 -14.47 -17.27 -4.54
C ASP A 154 -14.12 -17.40 -6.01
N VAL A 155 -14.42 -16.36 -6.81
CA VAL A 155 -14.20 -16.43 -8.26
C VAL A 155 -12.73 -16.72 -8.56
N GLY A 156 -11.82 -16.05 -7.86
CA GLY A 156 -10.40 -16.24 -8.13
C GLY A 156 -9.93 -17.65 -7.88
N ARG A 157 -10.43 -18.29 -6.83
CA ARG A 157 -10.04 -19.68 -6.57
C ARG A 157 -10.64 -20.62 -7.61
N GLU A 158 -11.87 -20.37 -8.05
CA GLU A 158 -12.44 -21.20 -9.11
C GLU A 158 -11.57 -21.13 -10.36
N LEU A 159 -11.13 -19.94 -10.74
CA LEU A 159 -10.30 -19.79 -11.93
C LEU A 159 -8.94 -20.47 -11.74
N ILE A 160 -8.24 -20.15 -10.65
CA ILE A 160 -6.84 -20.56 -10.53
C ILE A 160 -6.71 -21.98 -9.97
N ILE A 161 -7.47 -22.32 -8.93
N ILE A 161 -7.48 -22.35 -8.96
CA ILE A 161 -7.35 -23.63 -8.30
CA ILE A 161 -7.30 -23.66 -8.35
C ILE A 161 -8.11 -24.68 -9.10
C ILE A 161 -8.14 -24.72 -9.05
N ASP A 162 -9.39 -24.42 -9.38
CA ASP A 162 -10.23 -25.42 -10.03
C ASP A 162 -9.94 -25.56 -11.53
N GLN A 163 -9.74 -24.45 -12.23
CA GLN A 163 -9.58 -24.45 -13.69
C GLN A 163 -8.14 -24.24 -14.15
N ASN A 164 -7.20 -24.06 -13.21
CA ASN A 164 -5.76 -23.93 -13.53
C ASN A 164 -5.49 -22.76 -14.48
N ALA A 165 -6.20 -21.64 -14.26
CA ALA A 165 -6.14 -20.51 -15.20
C ALA A 165 -4.75 -19.90 -15.29
N PHE A 166 -3.94 -19.97 -14.23
CA PHE A 166 -2.64 -19.32 -14.31
C PHE A 166 -1.68 -20.09 -15.21
N ILE A 167 -1.82 -21.40 -15.29
CA ILE A 167 -0.98 -22.22 -16.16
C ILE A 167 -1.54 -22.28 -17.57
N GLU A 168 -2.84 -22.54 -17.71
CA GLU A 168 -3.42 -22.72 -19.03
C GLU A 168 -3.76 -21.41 -19.71
N GLY A 169 -3.96 -20.34 -18.96
CA GLY A 169 -4.35 -19.08 -19.56
C GLY A 169 -3.24 -18.06 -19.52
N ILE A 170 -2.86 -17.65 -18.31
CA ILE A 170 -1.95 -16.51 -18.15
C ILE A 170 -0.59 -16.83 -18.76
N LEU A 171 -0.05 -18.01 -18.44
CA LEU A 171 1.32 -18.31 -18.87
C LEU A 171 1.49 -18.19 -20.38
N PRO A 172 0.69 -18.86 -21.23
CA PRO A 172 0.88 -18.66 -22.68
C PRO A 172 0.47 -17.28 -23.16
N LYS A 173 -0.45 -16.59 -22.47
CA LYS A 173 -0.82 -15.25 -22.91
C LYS A 173 0.22 -14.20 -22.57
N PHE A 174 1.16 -14.51 -21.68
CA PHE A 174 2.20 -13.57 -21.28
C PHE A 174 3.54 -13.87 -21.94
N VAL A 175 3.54 -14.69 -22.99
CA VAL A 175 4.68 -14.92 -23.86
C VAL A 175 4.23 -14.49 -25.27
N VAL A 176 5.08 -13.73 -25.97
CA VAL A 176 4.67 -13.25 -27.29
C VAL A 176 4.66 -14.40 -28.28
N ARG A 177 5.74 -15.16 -28.33
CA ARG A 177 5.76 -16.34 -29.19
C ARG A 177 4.94 -17.47 -28.58
N PRO A 178 4.53 -18.45 -29.38
CA PRO A 178 3.72 -19.56 -28.85
C PRO A 178 4.58 -20.58 -28.09
N LEU A 179 4.15 -20.90 -26.88
CA LEU A 179 4.78 -21.99 -26.14
C LEU A 179 4.41 -23.33 -26.79
N THR A 180 5.36 -24.25 -26.79
CA THR A 180 5.09 -25.58 -27.32
C THR A 180 4.46 -26.47 -26.27
N GLU A 181 3.90 -27.59 -26.72
CA GLU A 181 3.29 -28.53 -25.78
C GLU A 181 4.32 -29.12 -24.83
N VAL A 182 5.55 -29.35 -25.30
CA VAL A 182 6.60 -29.85 -24.43
C VAL A 182 6.89 -28.84 -23.32
N GLU A 183 7.00 -27.56 -23.68
CA GLU A 183 7.21 -26.53 -22.67
C GLU A 183 6.03 -26.44 -21.73
N MET A 184 4.80 -26.47 -22.26
CA MET A 184 3.63 -26.41 -21.39
C MET A 184 3.61 -27.58 -20.41
N ASP A 185 4.00 -28.77 -20.87
CA ASP A 185 3.97 -29.93 -19.97
C ASP A 185 5.00 -29.80 -18.87
N HIS A 186 6.15 -29.18 -19.14
CA HIS A 186 7.10 -28.91 -18.06
C HIS A 186 6.50 -27.96 -17.04
N TYR A 187 5.81 -26.92 -17.50
CA TYR A 187 5.18 -25.98 -16.57
C TYR A 187 4.00 -26.59 -15.85
N ARG A 188 3.29 -27.54 -16.49
CA ARG A 188 2.11 -28.15 -15.87
C ARG A 188 2.45 -29.11 -14.75
N GLU A 189 3.61 -29.75 -14.83
CA GLU A 189 3.86 -30.94 -14.01
C GLU A 189 3.73 -30.68 -12.50
N PRO A 190 4.21 -29.57 -11.93
CA PRO A 190 4.07 -29.41 -10.48
C PRO A 190 2.65 -29.11 -10.00
N PHE A 191 1.68 -28.93 -10.91
CA PHE A 191 0.36 -28.42 -10.55
C PHE A 191 -0.75 -29.27 -11.15
N LEU A 192 -0.46 -30.55 -11.43
CA LEU A 192 -1.46 -31.40 -12.07
C LEU A 192 -2.71 -31.56 -11.22
N LYS A 193 -2.58 -31.47 -9.89
CA LYS A 193 -3.70 -31.61 -8.98
C LYS A 193 -4.09 -30.26 -8.39
N PRO A 194 -5.38 -29.93 -8.35
CA PRO A 194 -5.81 -28.68 -7.70
C PRO A 194 -5.27 -28.46 -6.29
N VAL A 195 -5.13 -29.51 -5.49
CA VAL A 195 -4.65 -29.32 -4.13
C VAL A 195 -3.23 -28.77 -4.09
N TRP A 196 -2.50 -28.80 -5.20
CA TRP A 196 -1.15 -28.26 -5.27
C TRP A 196 -1.13 -26.80 -5.71
N ARG A 197 -2.27 -26.17 -5.95
CA ARG A 197 -2.27 -24.90 -6.67
C ARG A 197 -2.39 -23.68 -5.76
N GLU A 198 -2.37 -23.85 -4.44
CA GLU A 198 -2.46 -22.69 -3.56
C GLU A 198 -1.45 -21.58 -3.88
N PRO A 199 -0.17 -21.87 -4.10
CA PRO A 199 0.77 -20.78 -4.41
C PRO A 199 0.36 -19.98 -5.64
N LEU A 200 -0.28 -20.64 -6.61
CA LEU A 200 -0.64 -19.95 -7.85
C LEU A 200 -1.72 -18.90 -7.63
N TRP A 201 -2.57 -19.10 -6.61
CA TRP A 201 -3.63 -18.18 -6.25
C TRP A 201 -3.15 -17.13 -5.25
N ARG A 202 -2.28 -17.53 -4.32
CA ARG A 202 -1.77 -16.58 -3.33
C ARG A 202 -0.99 -15.46 -4.01
N PHE A 203 -0.15 -15.80 -4.98
CA PHE A 203 0.71 -14.79 -5.60
C PHE A 203 -0.07 -13.63 -6.22
N PRO A 204 -1.05 -13.84 -7.11
CA PRO A 204 -1.77 -12.67 -7.66
C PRO A 204 -2.55 -11.92 -6.61
N ASN A 205 -2.92 -12.58 -5.51
CA ASN A 205 -3.59 -11.89 -4.42
C ASN A 205 -2.62 -11.09 -3.56
N GLU A 206 -1.31 -11.22 -3.77
N GLU A 206 -1.31 -11.26 -3.77
CA GLU A 206 -0.35 -10.38 -3.07
CA GLU A 206 -0.29 -10.46 -3.10
C GLU A 206 0.26 -9.30 -3.96
C GLU A 206 0.21 -9.29 -3.93
N LEU A 207 -0.08 -9.26 -5.23
CA LEU A 207 0.47 -8.23 -6.12
C LEU A 207 0.14 -6.84 -5.60
N PRO A 208 1.12 -5.96 -5.46
CA PRO A 208 0.84 -4.64 -4.90
C PRO A 208 0.33 -3.71 -5.98
N ILE A 209 -0.99 -3.54 -6.04
CA ILE A 209 -1.64 -2.76 -7.08
C ILE A 209 -2.63 -1.81 -6.41
N ALA A 210 -2.54 -0.52 -6.76
CA ALA A 210 -3.49 0.47 -6.26
C ALA A 210 -3.54 0.45 -4.73
N GLY A 211 -2.38 0.25 -4.11
CA GLY A 211 -2.26 0.34 -2.68
C GLY A 211 -2.47 -0.94 -1.90
N GLU A 212 -2.93 -2.01 -2.55
CA GLU A 212 -3.35 -3.20 -1.83
C GLU A 212 -2.71 -4.46 -2.39
N PRO A 213 -2.41 -5.44 -1.53
CA PRO A 213 -2.58 -5.39 -0.07
C PRO A 213 -1.53 -4.48 0.57
N ALA A 214 -1.91 -3.81 1.65
CA ALA A 214 -1.03 -2.80 2.22
C ALA A 214 0.29 -3.38 2.71
N ASN A 215 0.28 -4.60 3.27
CA ASN A 215 1.52 -5.14 3.81
C ASN A 215 2.55 -5.38 2.71
N ILE A 216 2.13 -5.94 1.58
CA ILE A 216 3.07 -6.15 0.49
C ILE A 216 3.47 -4.82 -0.14
N TRP A 217 2.51 -3.91 -0.27
CA TRP A 217 2.81 -2.59 -0.82
C TRP A 217 3.94 -1.92 -0.07
N ALA A 218 3.87 -1.93 1.28
CA ALA A 218 4.91 -1.31 2.08
C ALA A 218 6.24 -2.03 1.95
N LEU A 219 6.22 -3.38 1.90
CA LEU A 219 7.45 -4.14 1.78
C LEU A 219 8.15 -3.84 0.45
N VAL A 220 7.37 -3.79 -0.63
CA VAL A 220 7.94 -3.54 -1.95
C VAL A 220 8.43 -2.10 -2.05
N GLU A 221 7.66 -1.15 -1.51
CA GLU A 221 8.14 0.23 -1.43
C GLU A 221 9.48 0.29 -0.72
N ALA A 222 9.63 -0.48 0.37
CA ALA A 222 10.87 -0.45 1.14
C ALA A 222 12.04 -0.91 0.31
N TYR A 223 11.88 -2.00 -0.46
CA TYR A 223 13.06 -2.43 -1.20
C TYR A 223 13.28 -1.58 -2.44
N MET A 224 12.24 -0.94 -2.98
CA MET A 224 12.47 -0.01 -4.08
C MET A 224 13.23 1.21 -3.60
N ASN A 225 12.91 1.69 -2.39
CA ASN A 225 13.67 2.79 -1.79
C ASN A 225 15.13 2.39 -1.58
N TRP A 226 15.36 1.16 -1.10
CA TRP A 226 16.72 0.67 -0.95
C TRP A 226 17.43 0.63 -2.29
N LEU A 227 16.75 0.12 -3.33
CA LEU A 227 17.38 0.01 -4.65
C LEU A 227 17.80 1.37 -5.18
N HIS A 228 17.00 2.40 -4.92
CA HIS A 228 17.28 3.73 -5.45
C HIS A 228 18.49 4.38 -4.78
N GLN A 229 18.86 3.96 -3.58
CA GLN A 229 20.03 4.50 -2.90
C GLN A 229 21.22 3.56 -2.97
N SER A 230 21.08 2.39 -3.58
CA SER A 230 22.17 1.42 -3.55
C SER A 230 23.11 1.64 -4.73
N PRO A 231 24.43 1.60 -4.49
CA PRO A 231 25.38 1.66 -5.60
C PRO A 231 25.61 0.33 -6.31
N VAL A 232 24.89 -0.73 -5.92
CA VAL A 232 25.15 -2.06 -6.48
C VAL A 232 24.95 -2.02 -7.99
N PRO A 233 25.80 -2.67 -8.78
CA PRO A 233 25.56 -2.74 -10.23
C PRO A 233 24.24 -3.41 -10.54
N LYS A 234 23.51 -2.85 -11.49
CA LYS A 234 22.16 -3.29 -11.82
C LYS A 234 22.03 -3.46 -13.33
N LEU A 235 21.27 -4.46 -13.74
CA LEU A 235 21.03 -4.74 -15.15
C LEU A 235 19.55 -5.05 -15.33
N LEU A 236 18.86 -4.21 -16.09
CA LEU A 236 17.43 -4.39 -16.34
C LEU A 236 17.19 -4.80 -17.77
N PHE A 237 16.41 -5.87 -17.96
CA PHE A 237 15.91 -6.25 -19.26
C PHE A 237 14.44 -5.87 -19.34
N TRP A 238 14.03 -5.28 -20.47
CA TRP A 238 12.65 -4.89 -20.64
C TRP A 238 12.22 -5.12 -22.08
N GLY A 239 10.92 -5.31 -22.27
CA GLY A 239 10.35 -5.53 -23.59
C GLY A 239 9.11 -4.68 -23.79
N THR A 240 8.57 -4.78 -25.00
CA THR A 240 7.37 -4.04 -25.30
C THR A 240 6.29 -4.99 -25.77
N PRO A 241 5.05 -4.89 -25.25
CA PRO A 241 4.59 -3.82 -24.35
C PRO A 241 4.92 -4.02 -22.87
N GLY A 242 5.45 -5.19 -22.51
CA GLY A 242 5.65 -5.50 -21.10
C GLY A 242 4.34 -5.78 -20.39
N VAL A 243 4.47 -6.15 -19.11
CA VAL A 243 3.30 -6.33 -18.25
C VAL A 243 3.53 -5.58 -16.94
N LEU A 244 4.43 -6.09 -16.09
CA LEU A 244 4.73 -5.39 -14.84
C LEU A 244 5.58 -4.15 -15.07
N ILE A 245 6.40 -4.14 -16.12
CA ILE A 245 7.35 -3.06 -16.38
C ILE A 245 7.09 -2.54 -17.78
N PRO A 246 6.12 -1.66 -17.96
CA PRO A 246 5.90 -1.07 -19.28
C PRO A 246 7.08 -0.19 -19.67
N PRO A 247 7.21 0.14 -20.96
CA PRO A 247 8.33 0.99 -21.39
C PRO A 247 8.50 2.29 -20.59
N ALA A 248 7.40 2.96 -20.23
CA ALA A 248 7.53 4.19 -19.44
C ALA A 248 8.20 3.92 -18.10
N GLU A 249 7.92 2.77 -17.48
CA GLU A 249 8.58 2.44 -16.23
C GLU A 249 10.05 2.10 -16.45
N ALA A 250 10.37 1.38 -17.54
CA ALA A 250 11.77 1.12 -17.86
C ALA A 250 12.54 2.42 -18.03
N ALA A 251 11.91 3.42 -18.65
CA ALA A 251 12.56 4.71 -18.82
C ALA A 251 12.76 5.39 -17.47
N ARG A 252 11.76 5.32 -16.59
CA ARG A 252 11.89 5.95 -15.27
C ARG A 252 13.01 5.30 -14.47
N LEU A 253 13.13 3.98 -14.54
CA LEU A 253 14.23 3.30 -13.85
C LEU A 253 15.58 3.68 -14.43
N ALA A 254 15.68 3.77 -15.76
CA ALA A 254 16.92 4.21 -16.39
C ALA A 254 17.35 5.57 -15.87
N GLU A 255 16.41 6.44 -15.53
N GLU A 255 16.40 6.44 -15.53
CA GLU A 255 16.77 7.76 -15.03
CA GLU A 255 16.74 7.77 -15.03
C GLU A 255 17.10 7.76 -13.55
C GLU A 255 17.10 7.76 -13.56
N SER A 256 16.41 6.92 -12.76
CA SER A 256 16.46 7.05 -11.32
C SER A 256 17.36 6.04 -10.61
N LEU A 257 17.62 4.87 -11.20
CA LEU A 257 18.40 3.92 -10.41
C LEU A 257 19.90 4.14 -10.64
N PRO A 258 20.70 4.13 -9.57
CA PRO A 258 22.16 4.25 -9.74
C PRO A 258 22.75 3.01 -10.39
N ASN A 259 23.80 3.23 -11.18
CA ASN A 259 24.65 2.16 -11.68
C ASN A 259 23.86 1.13 -12.49
N LEU A 260 22.93 1.61 -13.32
CA LEU A 260 22.01 0.73 -14.03
C LEU A 260 22.34 0.68 -15.51
N LYS A 261 22.47 -0.53 -16.05
CA LYS A 261 22.47 -0.78 -17.48
C LYS A 261 21.11 -1.34 -17.89
N THR A 262 20.55 -0.84 -18.99
CA THR A 262 19.27 -1.34 -19.49
C THR A 262 19.48 -2.01 -20.84
N VAL A 263 18.72 -3.08 -21.07
CA VAL A 263 18.75 -3.82 -22.33
C VAL A 263 17.32 -4.04 -22.79
N PHE A 264 16.98 -3.48 -23.95
CA PHE A 264 15.69 -3.71 -24.58
C PHE A 264 15.72 -5.00 -25.37
N ILE A 265 14.77 -5.91 -25.10
CA ILE A 265 14.85 -7.24 -25.70
C ILE A 265 13.93 -7.39 -26.89
N GLY A 266 13.24 -6.34 -27.31
CA GLY A 266 12.28 -6.47 -28.37
C GLY A 266 10.90 -6.79 -27.84
N PRO A 267 10.10 -7.51 -28.63
CA PRO A 267 8.75 -7.87 -28.19
C PRO A 267 8.81 -8.69 -26.90
N GLY A 268 7.95 -8.33 -25.95
CA GLY A 268 7.95 -9.06 -24.71
C GLY A 268 6.75 -8.69 -23.88
N LEU A 269 6.18 -9.66 -23.17
CA LEU A 269 5.09 -9.41 -22.26
C LEU A 269 5.63 -9.59 -20.86
N HIS A 270 5.45 -10.76 -20.23
CA HIS A 270 5.95 -10.95 -18.88
C HIS A 270 7.11 -11.94 -18.81
N TYR A 271 6.99 -13.12 -19.42
CA TYR A 271 8.03 -14.14 -19.34
C TYR A 271 9.07 -13.88 -20.43
N LEU A 272 9.86 -12.83 -20.20
CA LEU A 272 10.82 -12.38 -21.23
C LEU A 272 11.83 -13.46 -21.57
N GLN A 273 12.13 -14.34 -20.61
CA GLN A 273 13.06 -15.43 -20.83
C GLN A 273 12.58 -16.37 -21.93
N GLU A 274 11.28 -16.43 -22.18
CA GLU A 274 10.75 -17.30 -23.21
C GLU A 274 10.68 -16.61 -24.55
N ASP A 275 10.87 -15.30 -24.60
CA ASP A 275 10.86 -14.61 -25.89
C ASP A 275 12.27 -14.34 -26.42
N ASN A 276 13.23 -13.97 -25.57
CA ASN A 276 14.59 -13.69 -26.04
C ASN A 276 15.62 -14.17 -25.04
N PRO A 277 15.68 -15.48 -24.81
CA PRO A 277 16.67 -16.02 -23.85
C PRO A 277 18.10 -15.76 -24.28
N ASP A 278 18.39 -15.79 -25.58
CA ASP A 278 19.78 -15.68 -25.99
C ASP A 278 20.32 -14.28 -25.72
N LEU A 279 19.50 -13.24 -25.91
CA LEU A 279 19.97 -11.89 -25.58
C LEU A 279 20.10 -11.72 -24.08
N ILE A 280 19.13 -12.24 -23.30
CA ILE A 280 19.21 -12.10 -21.86
C ILE A 280 20.43 -12.82 -21.31
N GLY A 281 20.62 -14.07 -21.71
CA GLY A 281 21.76 -14.84 -21.21
C GLY A 281 23.10 -14.27 -21.64
N SER A 282 23.22 -13.88 -22.91
CA SER A 282 24.49 -13.37 -23.40
C SER A 282 24.83 -12.03 -22.76
N GLU A 283 23.83 -11.18 -22.53
CA GLU A 283 24.10 -9.89 -21.90
C GLU A 283 24.45 -10.05 -20.43
N ILE A 284 23.83 -11.00 -19.72
CA ILE A 284 24.27 -11.25 -18.35
C ILE A 284 25.71 -11.72 -18.35
N ALA A 285 26.05 -12.63 -19.25
CA ALA A 285 27.43 -13.13 -19.32
C ALA A 285 28.42 -12.01 -19.60
N ARG A 286 28.04 -11.05 -20.44
CA ARG A 286 28.95 -9.94 -20.75
C ARG A 286 29.09 -8.98 -19.58
N TRP A 287 28.06 -8.89 -18.75
CA TRP A 287 28.01 -7.93 -17.65
C TRP A 287 28.74 -8.43 -16.41
N LEU A 288 28.76 -9.74 -16.20
CA LEU A 288 29.37 -10.29 -14.99
C LEU A 288 30.84 -9.91 -14.80
N PRO A 289 31.68 -9.85 -15.84
CA PRO A 289 33.09 -9.50 -15.58
C PRO A 289 33.29 -8.13 -14.94
N ALA A 290 32.49 -7.14 -15.33
CA ALA A 290 32.59 -5.81 -14.75
C ALA A 290 32.30 -5.77 -13.26
N LEU A 291 31.74 -6.84 -12.69
CA LEU A 291 31.47 -6.86 -11.26
C LEU A 291 32.74 -7.20 -10.48
N GLU B 1 -16.47 33.13 23.85
CA GLU B 1 -17.81 32.55 23.84
C GLU B 1 -17.77 31.09 23.38
N ILE B 2 -16.80 30.74 22.54
CA ILE B 2 -16.56 29.35 22.19
C ILE B 2 -15.83 28.68 23.35
N GLY B 3 -16.38 27.56 23.80
CA GLY B 3 -15.87 26.93 25.02
C GLY B 3 -14.45 26.41 24.85
N THR B 4 -13.63 26.63 25.88
CA THR B 4 -12.25 26.15 25.86
C THR B 4 -12.04 24.92 26.72
N GLY B 5 -13.00 24.58 27.57
CA GLY B 5 -12.84 23.45 28.45
C GLY B 5 -13.08 22.13 27.75
N PHE B 6 -12.60 21.07 28.40
CA PHE B 6 -12.79 19.69 27.94
C PHE B 6 -13.39 18.93 29.10
N PRO B 7 -14.71 19.02 29.31
CA PRO B 7 -15.37 18.42 30.48
C PRO B 7 -15.89 17.02 30.19
N PHE B 8 -15.00 16.14 29.79
CA PHE B 8 -15.36 14.75 29.52
C PHE B 8 -14.46 13.83 30.33
N ASP B 9 -15.09 12.89 31.05
CA ASP B 9 -14.33 11.89 31.76
C ASP B 9 -13.53 11.04 30.78
N PRO B 10 -12.30 10.67 31.11
CA PRO B 10 -11.54 9.81 30.21
C PRO B 10 -12.06 8.37 30.22
N HIS B 11 -12.11 7.77 29.04
CA HIS B 11 -12.31 6.33 28.90
C HIS B 11 -11.13 5.76 28.12
N TYR B 12 -10.73 4.55 28.50
CA TYR B 12 -9.61 3.88 27.85
C TYR B 12 -9.99 2.47 27.46
N VAL B 13 -9.47 2.01 26.32
CA VAL B 13 -9.68 0.64 25.86
C VAL B 13 -8.37 0.12 25.29
N GLU B 14 -8.07 -1.15 25.58
CA GLU B 14 -6.87 -1.78 25.03
C GLU B 14 -7.11 -2.15 23.57
N VAL B 15 -6.20 -1.72 22.71
CA VAL B 15 -6.31 -1.92 21.26
C VAL B 15 -4.94 -2.36 20.77
N LEU B 16 -4.85 -3.59 20.26
CA LEU B 16 -3.60 -4.13 19.70
C LEU B 16 -2.42 -3.92 20.63
N GLY B 17 -2.66 -4.04 21.93
CA GLY B 17 -1.60 -3.93 22.91
C GLY B 17 -1.30 -2.53 23.40
N SER B 18 -2.02 -1.52 22.92
CA SER B 18 -1.87 -0.15 23.38
C SER B 18 -3.20 0.34 23.96
N ARG B 19 -3.11 1.39 24.76
CA ARG B 19 -4.30 2.02 25.32
C ARG B 19 -4.74 3.16 24.40
N MET B 20 -6.03 3.21 24.07
CA MET B 20 -6.58 4.34 23.34
C MET B 20 -7.60 5.07 24.20
N HIS B 21 -7.55 6.40 24.16
CA HIS B 21 -8.46 7.24 24.93
C HIS B 21 -9.65 7.62 24.08
N TYR B 22 -10.82 7.71 24.71
CA TYR B 22 -12.00 8.19 23.99
C TYR B 22 -12.97 8.85 24.93
N VAL B 23 -13.71 9.83 24.39
CA VAL B 23 -14.92 10.37 25.00
C VAL B 23 -16.06 9.41 24.77
N ASP B 24 -16.94 9.26 25.78
CA ASP B 24 -18.11 8.39 25.63
C ASP B 24 -19.22 8.98 26.51
N VAL B 25 -20.17 9.67 25.90
CA VAL B 25 -21.27 10.33 26.61
C VAL B 25 -22.56 10.04 25.87
N GLY B 26 -23.68 10.50 26.43
CA GLY B 26 -24.97 10.27 25.83
C GLY B 26 -25.59 8.96 26.25
N PRO B 27 -26.83 8.73 25.83
CA PRO B 27 -27.54 7.49 26.20
C PRO B 27 -26.77 6.26 25.76
N ARG B 28 -26.97 5.17 26.50
CA ARG B 28 -26.15 4.00 26.30
C ARG B 28 -26.63 3.10 25.17
N ASP B 29 -27.83 3.31 24.66
CA ASP B 29 -28.33 2.49 23.57
C ASP B 29 -28.59 3.38 22.35
N GLY B 30 -29.31 2.83 21.38
CA GLY B 30 -29.51 3.53 20.12
C GLY B 30 -28.26 3.42 19.25
N THR B 31 -28.30 4.13 18.14
CA THR B 31 -27.16 4.13 17.24
C THR B 31 -26.11 5.12 17.74
N PRO B 32 -24.86 4.68 17.93
CA PRO B 32 -23.83 5.60 18.41
C PRO B 32 -23.34 6.48 17.28
N VAL B 33 -22.90 7.67 17.65
CA VAL B 33 -22.29 8.63 16.73
C VAL B 33 -20.81 8.66 17.03
N LEU B 34 -20.00 8.33 16.01
CA LEU B 34 -18.56 8.19 16.16
C LEU B 34 -17.89 9.38 15.50
N PHE B 35 -17.19 10.20 16.30
CA PHE B 35 -16.53 11.43 15.86
C PHE B 35 -15.04 11.16 15.64
N LEU B 36 -14.53 11.45 14.44
CA LEU B 36 -13.13 11.16 14.12
C LEU B 36 -12.40 12.43 13.72
N HIS B 37 -11.41 12.82 14.52
CA HIS B 37 -10.56 13.98 14.27
C HIS B 37 -9.44 13.62 13.30
N GLY B 38 -8.68 14.65 12.91
CA GLY B 38 -7.52 14.46 12.05
C GLY B 38 -6.26 15.12 12.60
N ASN B 39 -5.49 15.73 11.69
CA ASN B 39 -4.18 16.27 12.03
C ASN B 39 -4.27 17.76 12.31
N PRO B 40 -3.66 18.28 13.39
CA PRO B 40 -2.94 17.62 14.47
C PRO B 40 -3.77 17.65 15.72
N THR B 41 -5.03 17.24 15.61
CA THR B 41 -5.99 17.50 16.67
C THR B 41 -6.23 16.24 17.49
N SER B 42 -7.35 16.20 18.18
CA SER B 42 -7.74 15.09 19.05
C SER B 42 -9.24 15.21 19.25
N SER B 43 -9.78 14.42 20.18
CA SER B 43 -11.19 14.60 20.51
C SER B 43 -11.51 15.99 21.02
N TYR B 44 -10.50 16.74 21.47
CA TYR B 44 -10.69 18.13 21.87
C TYR B 44 -11.38 18.94 20.79
N LEU B 45 -11.11 18.61 19.52
CA LEU B 45 -11.70 19.33 18.40
C LEU B 45 -13.22 19.27 18.40
N TRP B 46 -13.79 18.21 19.00
CA TRP B 46 -15.23 17.99 19.01
C TRP B 46 -15.91 18.49 20.28
N ARG B 47 -15.17 19.15 21.18
CA ARG B 47 -15.68 19.43 22.53
C ARG B 47 -16.93 20.29 22.54
N ASN B 48 -17.10 21.18 21.55
CA ASN B 48 -18.25 22.08 21.55
C ASN B 48 -19.34 21.59 20.60
N ILE B 49 -19.11 20.48 19.94
CA ILE B 49 -20.09 19.88 19.04
C ILE B 49 -20.84 18.75 19.72
N ILE B 50 -20.11 17.88 20.42
CA ILE B 50 -20.68 16.74 21.14
C ILE B 50 -21.85 17.16 22.05
N PRO B 51 -21.79 18.26 22.81
CA PRO B 51 -22.92 18.58 23.70
C PRO B 51 -24.25 18.82 22.99
N HIS B 52 -24.24 19.13 21.69
CA HIS B 52 -25.48 19.23 20.93
C HIS B 52 -26.08 17.87 20.60
N VAL B 53 -25.25 16.83 20.57
CA VAL B 53 -25.68 15.51 20.10
C VAL B 53 -25.92 14.57 21.27
N ALA B 54 -25.14 14.74 22.34
CA ALA B 54 -25.25 13.86 23.50
C ALA B 54 -26.62 13.80 24.17
N PRO B 55 -27.49 14.83 24.11
CA PRO B 55 -28.83 14.64 24.69
C PRO B 55 -29.60 13.49 24.08
N SER B 56 -29.37 13.19 22.80
CA SER B 56 -30.19 12.23 22.09
C SER B 56 -29.45 10.97 21.66
N HIS B 57 -28.11 11.01 21.58
CA HIS B 57 -27.36 9.91 21.00
C HIS B 57 -26.07 9.68 21.79
N ARG B 58 -25.66 8.41 21.85
CA ARG B 58 -24.33 8.10 22.34
C ARG B 58 -23.30 8.77 21.42
N CYS B 59 -22.34 9.46 22.03
CA CYS B 59 -21.25 10.10 21.32
C CYS B 59 -19.94 9.44 21.73
N ILE B 60 -19.18 8.96 20.75
CA ILE B 60 -17.89 8.32 20.98
C ILE B 60 -16.86 9.09 20.17
N ALA B 61 -15.83 9.61 20.83
CA ALA B 61 -14.78 10.37 20.14
C ALA B 61 -13.41 9.86 20.54
N PRO B 62 -12.79 8.99 19.74
CA PRO B 62 -11.46 8.49 20.09
C PRO B 62 -10.36 9.44 19.70
N ASP B 63 -9.25 9.33 20.44
CA ASP B 63 -7.99 9.92 20.01
C ASP B 63 -7.24 8.87 19.18
N LEU B 64 -6.93 9.22 17.94
CA LEU B 64 -6.17 8.32 17.09
C LEU B 64 -4.88 7.90 17.76
N ILE B 65 -4.38 6.71 17.37
CA ILE B 65 -3.15 6.20 17.99
C ILE B 65 -2.03 7.21 17.79
N GLY B 66 -1.23 7.42 18.85
CA GLY B 66 -0.19 8.44 18.82
C GLY B 66 -0.64 9.88 18.97
N MET B 67 -1.94 10.13 19.22
CA MET B 67 -2.49 11.47 19.33
C MET B 67 -3.35 11.58 20.57
N GLY B 68 -3.64 12.82 20.95
CA GLY B 68 -4.44 13.07 22.14
C GLY B 68 -3.87 12.38 23.36
N LYS B 69 -4.76 11.73 24.13
CA LYS B 69 -4.37 10.95 25.30
C LYS B 69 -4.15 9.47 24.99
N SER B 70 -4.14 9.09 23.72
CA SER B 70 -3.88 7.70 23.40
C SER B 70 -2.38 7.39 23.50
N ASP B 71 -2.07 6.11 23.54
CA ASP B 71 -0.68 5.68 23.69
C ASP B 71 0.15 6.04 22.46
N LYS B 72 1.47 5.93 22.60
CA LYS B 72 2.41 6.28 21.54
C LYS B 72 3.31 5.09 21.21
N PRO B 73 2.77 4.03 20.61
CA PRO B 73 3.59 2.86 20.26
C PRO B 73 4.59 3.19 19.16
N ASP B 74 5.56 2.28 19.01
CA ASP B 74 6.63 2.45 18.02
C ASP B 74 6.12 1.99 16.65
N LEU B 75 5.34 2.85 16.02
CA LEU B 75 4.78 2.55 14.71
C LEU B 75 5.46 3.37 13.63
N ASP B 76 5.30 2.92 12.39
CA ASP B 76 5.62 3.79 11.27
C ASP B 76 4.77 5.04 11.30
N TYR B 77 3.51 4.92 11.76
CA TYR B 77 2.47 5.94 11.67
C TYR B 77 2.11 6.26 10.21
N ARG B 78 2.12 5.23 9.38
CA ARG B 78 1.50 5.34 8.08
C ARG B 78 -0.02 5.24 8.22
N PHE B 79 -0.72 5.66 7.16
CA PHE B 79 -2.17 5.58 7.17
C PHE B 79 -2.66 4.17 7.54
N ASP B 80 -1.99 3.13 7.02
CA ASP B 80 -2.44 1.77 7.32
C ASP B 80 -2.37 1.47 8.81
N ASP B 81 -1.42 2.07 9.53
CA ASP B 81 -1.39 1.89 10.99
C ASP B 81 -2.65 2.46 11.61
N HIS B 82 -3.04 3.67 11.21
CA HIS B 82 -4.26 4.25 11.76
C HIS B 82 -5.47 3.39 11.40
N VAL B 83 -5.49 2.84 10.19
CA VAL B 83 -6.62 1.98 9.80
C VAL B 83 -6.71 0.80 10.75
N ARG B 84 -5.57 0.17 11.02
CA ARG B 84 -5.55 -1.01 11.88
C ARG B 84 -6.05 -0.69 13.28
N TYR B 85 -5.57 0.42 13.86
CA TYR B 85 -5.96 0.74 15.23
C TYR B 85 -7.40 1.21 15.31
N LEU B 86 -7.89 1.99 14.35
CA LEU B 86 -9.30 2.38 14.40
C LEU B 86 -10.21 1.16 14.19
N ASP B 87 -9.85 0.27 13.25
CA ASP B 87 -10.64 -0.95 13.06
C ASP B 87 -10.77 -1.70 14.38
N ALA B 88 -9.65 -1.85 15.08
CA ALA B 88 -9.65 -2.63 16.31
C ALA B 88 -10.33 -1.89 17.44
N PHE B 89 -10.26 -0.55 17.45
CA PHE B 89 -10.98 0.25 18.43
C PHE B 89 -12.48 0.04 18.29
N ILE B 90 -13.00 0.09 17.05
CA ILE B 90 -14.43 -0.05 16.83
C ILE B 90 -14.90 -1.43 17.27
N GLU B 91 -14.12 -2.47 16.96
CA GLU B 91 -14.48 -3.81 17.36
C GLU B 91 -14.37 -3.99 18.88
N ALA B 92 -13.38 -3.34 19.51
CA ALA B 92 -13.20 -3.48 20.96
C ALA B 92 -14.37 -2.87 21.74
N LEU B 93 -15.00 -1.85 21.19
CA LEU B 93 -16.18 -1.25 21.80
C LEU B 93 -17.47 -1.95 21.39
N GLY B 94 -17.38 -2.96 20.52
CA GLY B 94 -18.57 -3.71 20.15
C GLY B 94 -19.57 -2.93 19.36
N LEU B 95 -19.12 -1.91 18.63
CA LEU B 95 -20.04 -1.12 17.82
C LEU B 95 -20.52 -1.96 16.65
N GLU B 96 -21.83 -1.87 16.37
CA GLU B 96 -22.39 -2.57 15.23
C GLU B 96 -22.69 -1.51 14.17
N GLU B 97 -23.85 -0.90 14.19
CA GLU B 97 -24.18 0.21 13.29
C GLU B 97 -23.73 1.52 13.94
N VAL B 98 -23.31 2.49 13.10
CA VAL B 98 -22.85 3.77 13.61
C VAL B 98 -23.26 4.88 12.65
N VAL B 99 -23.29 6.09 13.19
CA VAL B 99 -23.28 7.32 12.39
C VAL B 99 -21.88 7.92 12.50
N LEU B 100 -21.30 8.32 11.39
CA LEU B 100 -19.95 8.90 11.40
C LEU B 100 -20.03 10.42 11.34
N VAL B 101 -19.18 11.08 12.12
CA VAL B 101 -18.98 12.54 12.04
C VAL B 101 -17.48 12.74 11.91
N ILE B 102 -17.01 13.21 10.75
CA ILE B 102 -15.59 13.03 10.42
C ILE B 102 -15.01 14.26 9.77
N HIS B 103 -13.69 14.41 9.93
CA HIS B 103 -12.96 15.61 9.51
C HIS B 103 -11.55 15.22 9.12
N ASP B 104 -11.02 15.82 8.04
CA ASP B 104 -9.58 15.69 7.71
C ASP B 104 -9.19 14.21 7.65
N TRP B 105 -8.08 13.79 8.26
CA TRP B 105 -7.68 12.40 8.18
C TRP B 105 -8.65 11.47 8.89
N GLY B 106 -9.44 12.00 9.83
CA GLY B 106 -10.54 11.22 10.38
C GLY B 106 -11.58 10.88 9.33
N SER B 107 -11.74 11.75 8.32
CA SER B 107 -12.66 11.45 7.23
C SER B 107 -12.09 10.40 6.28
N ALA B 108 -10.77 10.41 6.05
CA ALA B 108 -10.21 9.32 5.26
C ALA B 108 -10.41 7.99 5.97
N LEU B 109 -10.18 7.96 7.29
CA LEU B 109 -10.40 6.74 8.04
C LEU B 109 -11.88 6.35 8.04
N GLY B 110 -12.76 7.34 8.22
CA GLY B 110 -14.19 7.05 8.30
C GLY B 110 -14.74 6.57 6.97
N PHE B 111 -14.42 7.28 5.88
CA PHE B 111 -14.92 6.85 4.57
C PHE B 111 -14.36 5.49 4.18
N HIS B 112 -13.08 5.24 4.48
CA HIS B 112 -12.49 3.95 4.18
C HIS B 112 -13.15 2.83 4.98
N TRP B 113 -13.49 3.11 6.24
CA TRP B 113 -14.21 2.12 7.03
C TRP B 113 -15.61 1.90 6.48
N ALA B 114 -16.29 2.98 6.08
CA ALA B 114 -17.65 2.85 5.57
C ALA B 114 -17.68 2.03 4.29
N LYS B 115 -16.72 2.26 3.39
CA LYS B 115 -16.66 1.49 2.14
C LYS B 115 -16.54 0.00 2.43
N ARG B 116 -15.76 -0.35 3.46
CA ARG B 116 -15.53 -1.74 3.79
C ARG B 116 -16.62 -2.33 4.65
N ASN B 117 -17.47 -1.49 5.25
CA ASN B 117 -18.54 -1.92 6.16
C ASN B 117 -19.81 -1.17 5.84
N PRO B 118 -20.29 -1.23 4.58
CA PRO B 118 -21.36 -0.31 4.18
C PRO B 118 -22.68 -0.57 4.88
N GLU B 119 -22.90 -1.81 5.31
CA GLU B 119 -24.14 -2.16 6.00
C GLU B 119 -24.19 -1.57 7.41
N ARG B 120 -23.06 -1.13 7.94
CA ARG B 120 -22.98 -0.68 9.33
C ARG B 120 -22.97 0.84 9.47
N VAL B 121 -23.09 1.58 8.38
CA VAL B 121 -23.04 3.04 8.43
C VAL B 121 -24.42 3.57 8.11
N LYS B 122 -25.03 4.24 9.07
CA LYS B 122 -26.39 4.76 8.90
C LYS B 122 -26.42 6.21 8.42
N GLY B 123 -25.31 6.93 8.51
CA GLY B 123 -25.24 8.29 8.03
C GLY B 123 -23.82 8.78 8.19
N ILE B 124 -23.47 9.79 7.41
CA ILE B 124 -22.12 10.37 7.49
C ILE B 124 -22.25 11.88 7.44
N ALA B 125 -21.79 12.56 8.48
CA ALA B 125 -21.63 14.00 8.48
C ALA B 125 -20.13 14.28 8.35
N PHE B 126 -19.76 15.22 7.48
CA PHE B 126 -18.35 15.41 7.22
C PHE B 126 -18.09 16.86 6.85
N MET B 127 -16.81 17.23 6.93
CA MET B 127 -16.40 18.61 6.72
C MET B 127 -14.91 18.60 6.48
N GLU B 128 -14.47 19.42 5.53
CA GLU B 128 -13.05 19.62 5.23
C GLU B 128 -12.33 18.28 5.21
N PHE B 129 -12.79 17.43 4.29
CA PHE B 129 -12.43 16.02 4.26
C PHE B 129 -11.39 15.76 3.18
N ILE B 130 -10.78 14.58 3.26
N ILE B 130 -10.77 14.58 3.26
CA ILE B 130 -9.72 14.19 2.33
CA ILE B 130 -9.71 14.26 2.32
C ILE B 130 -10.35 13.74 1.03
C ILE B 130 -10.31 13.74 1.03
N ARG B 131 -9.99 14.41 -0.06
CA ARG B 131 -10.42 14.10 -1.41
C ARG B 131 -9.16 14.12 -2.26
N PRO B 132 -9.19 13.49 -3.44
CA PRO B 132 -8.01 13.55 -4.31
C PRO B 132 -7.85 14.97 -4.85
N ILE B 133 -6.69 15.57 -4.61
CA ILE B 133 -6.39 16.93 -5.07
C ILE B 133 -5.69 16.81 -6.41
N PRO B 134 -6.34 17.19 -7.54
CA PRO B 134 -5.75 16.88 -8.86
C PRO B 134 -4.39 17.52 -9.11
N THR B 135 -4.20 18.79 -8.74
CA THR B 135 -2.92 19.45 -8.89
C THR B 135 -2.69 20.38 -7.71
N TRP B 136 -1.44 20.81 -7.55
CA TRP B 136 -1.11 21.80 -6.53
C TRP B 136 -1.84 23.11 -6.77
N ASP B 137 -2.29 23.38 -8.00
CA ASP B 137 -3.09 24.57 -8.25
C ASP B 137 -4.38 24.57 -7.45
N GLU B 138 -4.88 23.39 -7.10
CA GLU B 138 -6.13 23.27 -6.35
C GLU B 138 -5.90 23.31 -4.83
N TRP B 139 -4.65 23.34 -4.39
CA TRP B 139 -4.32 23.63 -3.00
C TRP B 139 -4.25 25.14 -2.81
N PRO B 140 -4.82 25.68 -1.73
CA PRO B 140 -4.88 27.14 -1.57
C PRO B 140 -3.50 27.79 -1.63
N GLU B 141 -3.41 28.90 -2.37
CA GLU B 141 -2.12 29.52 -2.61
C GLU B 141 -1.44 29.91 -1.30
N PHE B 142 -2.20 30.39 -0.32
CA PHE B 142 -1.61 30.88 0.91
C PHE B 142 -0.99 29.77 1.75
N ALA B 143 -1.26 28.50 1.44
CA ALA B 143 -0.67 27.38 2.16
C ALA B 143 0.12 26.46 1.24
N ARG B 144 0.28 26.84 -0.03
CA ARG B 144 0.89 25.94 -1.01
C ARG B 144 2.37 25.71 -0.73
N GLU B 145 3.15 26.80 -0.57
CA GLU B 145 4.57 26.64 -0.32
C GLU B 145 4.83 25.86 0.96
N LEU B 146 4.01 26.09 1.98
CA LEU B 146 4.20 25.42 3.26
C LEU B 146 4.01 23.91 3.12
N PHE B 147 2.93 23.49 2.45
CA PHE B 147 2.68 22.05 2.36
C PHE B 147 3.61 21.37 1.36
N GLN B 148 4.07 22.10 0.34
CA GLN B 148 5.13 21.54 -0.51
C GLN B 148 6.41 21.34 0.29
N ALA B 149 6.71 22.27 1.20
CA ALA B 149 7.87 22.12 2.07
C ALA B 149 7.71 20.95 3.02
N PHE B 150 6.49 20.76 3.56
CA PHE B 150 6.25 19.61 4.42
C PHE B 150 6.57 18.30 3.72
N ARG B 151 6.33 18.24 2.41
CA ARG B 151 6.54 17.04 1.61
C ARG B 151 7.90 17.01 0.93
N THR B 152 8.83 17.87 1.36
CA THR B 152 10.17 17.95 0.80
C THR B 152 11.15 17.23 1.72
N PRO B 153 12.01 16.36 1.19
CA PRO B 153 12.97 15.64 2.05
C PRO B 153 13.74 16.58 2.96
N ASP B 154 13.91 16.15 4.21
CA ASP B 154 14.64 16.86 5.26
C ASP B 154 13.93 18.13 5.72
N VAL B 155 13.58 19.01 4.78
CA VAL B 155 12.95 20.28 5.14
C VAL B 155 11.65 20.04 5.90
N GLY B 156 10.82 19.11 5.43
CA GLY B 156 9.53 18.88 6.07
C GLY B 156 9.66 18.41 7.51
N ARG B 157 10.66 17.57 7.78
CA ARG B 157 10.87 17.11 9.15
C ARG B 157 11.40 18.22 10.02
N GLU B 158 12.28 19.08 9.48
CA GLU B 158 12.75 20.24 10.24
C GLU B 158 11.58 21.11 10.67
N LEU B 159 10.64 21.37 9.75
CA LEU B 159 9.52 22.23 10.08
C LEU B 159 8.58 21.56 11.09
N ILE B 160 8.17 20.33 10.80
CA ILE B 160 7.09 19.71 11.60
C ILE B 160 7.63 19.06 12.87
N ILE B 161 8.74 18.33 12.77
CA ILE B 161 9.28 17.60 13.93
C ILE B 161 10.08 18.54 14.82
N ASP B 162 11.06 19.23 14.24
CA ASP B 162 11.94 20.07 15.04
C ASP B 162 11.26 21.34 15.51
N GLN B 163 10.51 22.02 14.63
CA GLN B 163 9.94 23.32 14.92
C GLN B 163 8.46 23.27 15.26
N ASN B 164 7.83 22.09 15.20
CA ASN B 164 6.42 21.91 15.54
C ASN B 164 5.51 22.80 14.71
N ALA B 165 5.79 22.89 13.41
CA ALA B 165 5.09 23.81 12.52
C ALA B 165 3.60 23.47 12.40
N PHE B 166 3.23 22.20 12.54
CA PHE B 166 1.81 21.90 12.32
C PHE B 166 0.96 22.42 13.48
N ILE B 167 1.51 22.45 14.68
CA ILE B 167 0.79 22.94 15.85
C ILE B 167 0.91 24.44 15.98
N GLU B 168 2.12 24.99 15.86
CA GLU B 168 2.31 26.42 16.09
C GLU B 168 1.98 27.27 14.88
N GLY B 169 2.02 26.69 13.68
CA GLY B 169 1.76 27.44 12.48
C GLY B 169 0.44 27.10 11.83
N ILE B 170 0.25 25.83 11.44
CA ILE B 170 -0.89 25.48 10.61
C ILE B 170 -2.20 25.61 11.38
N LEU B 171 -2.24 25.05 12.59
CA LEU B 171 -3.46 25.07 13.38
C LEU B 171 -4.04 26.47 13.55
N PRO B 172 -3.31 27.49 14.02
CA PRO B 172 -3.89 28.83 14.07
C PRO B 172 -4.13 29.42 12.69
N LYS B 173 -3.31 29.07 11.70
CA LYS B 173 -3.47 29.61 10.35
C LYS B 173 -4.78 29.15 9.70
N PHE B 174 -5.27 27.98 10.10
CA PHE B 174 -6.42 27.35 9.48
C PHE B 174 -7.70 27.51 10.31
N VAL B 175 -7.70 28.41 11.28
CA VAL B 175 -8.89 28.86 11.98
C VAL B 175 -9.02 30.35 11.71
N VAL B 176 -10.24 30.80 11.37
CA VAL B 176 -10.41 32.21 11.02
C VAL B 176 -10.32 33.09 12.26
N ARG B 177 -11.06 32.74 13.30
CA ARG B 177 -10.96 33.47 14.55
C ARG B 177 -9.68 33.11 15.27
N PRO B 178 -9.23 33.95 16.20
CA PRO B 178 -7.98 33.65 16.92
C PRO B 178 -8.18 32.59 17.99
N LEU B 179 -7.32 31.56 17.98
CA LEU B 179 -7.32 30.58 19.04
C LEU B 179 -6.71 31.18 20.30
N THR B 180 -7.26 30.82 21.45
CA THR B 180 -6.75 31.30 22.72
C THR B 180 -5.58 30.44 23.19
N GLU B 181 -4.83 30.96 24.17
CA GLU B 181 -3.70 30.20 24.68
C GLU B 181 -4.16 28.91 25.36
N VAL B 182 -5.30 28.94 26.06
CA VAL B 182 -5.82 27.72 26.68
C VAL B 182 -6.10 26.67 25.62
N GLU B 183 -6.74 27.08 24.52
CA GLU B 183 -7.01 26.15 23.43
C GLU B 183 -5.70 25.62 22.84
N MET B 184 -4.75 26.52 22.58
CA MET B 184 -3.47 26.08 22.02
C MET B 184 -2.78 25.09 22.95
N ASP B 185 -2.85 25.33 24.26
CA ASP B 185 -2.18 24.43 25.19
C ASP B 185 -2.82 23.04 25.18
N HIS B 186 -4.14 22.95 25.00
CA HIS B 186 -4.77 21.64 24.85
C HIS B 186 -4.24 20.91 23.62
N TYR B 187 -4.08 21.64 22.51
CA TYR B 187 -3.59 21.02 21.28
C TYR B 187 -2.09 20.70 21.37
N ARG B 188 -1.35 21.47 22.17
CA ARG B 188 0.09 21.27 22.29
C ARG B 188 0.44 20.04 23.12
N GLU B 189 -0.40 19.70 24.09
CA GLU B 189 -0.03 18.72 25.12
C GLU B 189 0.47 17.39 24.58
N PRO B 190 -0.13 16.77 23.57
CA PRO B 190 0.37 15.45 23.13
C PRO B 190 1.68 15.51 22.39
N PHE B 191 2.20 16.69 22.08
CA PHE B 191 3.32 16.82 21.17
C PHE B 191 4.44 17.70 21.73
N LEU B 192 4.53 17.79 23.06
CA LEU B 192 5.51 18.68 23.68
C LEU B 192 6.94 18.28 23.32
N LYS B 193 7.18 16.99 23.07
CA LYS B 193 8.50 16.50 22.71
C LYS B 193 8.55 16.13 21.22
N PRO B 194 9.61 16.52 20.51
CA PRO B 194 9.72 16.18 19.08
C PRO B 194 9.58 14.71 18.78
N VAL B 195 10.03 13.81 19.66
CA VAL B 195 9.96 12.39 19.40
C VAL B 195 8.51 11.92 19.29
N TRP B 196 7.57 12.73 19.74
CA TRP B 196 6.15 12.40 19.66
C TRP B 196 5.51 12.87 18.37
N ARG B 197 6.24 13.54 17.49
CA ARG B 197 5.60 14.29 16.41
C ARG B 197 5.56 13.54 15.07
N GLU B 198 6.00 12.27 15.02
CA GLU B 198 5.97 11.54 13.76
C GLU B 198 4.60 11.55 13.07
N PRO B 199 3.47 11.33 13.76
CA PRO B 199 2.19 11.36 13.03
C PRO B 199 1.92 12.70 12.37
N LEU B 200 2.40 13.80 12.96
CA LEU B 200 2.12 15.13 12.40
C LEU B 200 2.83 15.34 11.07
N TRP B 201 3.96 14.67 10.87
CA TRP B 201 4.71 14.73 9.63
C TRP B 201 4.22 13.69 8.62
N ARG B 202 3.84 12.49 9.08
CA ARG B 202 3.34 11.48 8.15
C ARG B 202 2.09 11.95 7.44
N PHE B 203 1.17 12.58 8.16
CA PHE B 203 -0.12 12.92 7.56
C PHE B 203 0.00 13.84 6.34
N PRO B 204 0.73 14.97 6.37
CA PRO B 204 0.80 15.79 5.15
C PRO B 204 1.55 15.09 4.04
N ASN B 205 2.45 14.16 4.39
CA ASN B 205 3.15 13.37 3.38
C ASN B 205 2.28 12.28 2.78
N GLU B 206 1.08 12.07 3.32
N GLU B 206 1.09 12.06 3.33
CA GLU B 206 0.14 11.12 2.74
CA GLU B 206 0.13 11.11 2.76
C GLU B 206 -1.01 11.79 1.99
C GLU B 206 -1.00 11.78 2.00
N LEU B 207 -1.11 13.11 2.04
CA LEU B 207 -2.19 13.80 1.35
C LEU B 207 -2.20 13.41 -0.13
N PRO B 208 -3.34 13.04 -0.69
CA PRO B 208 -3.36 12.63 -2.10
C PRO B 208 -3.39 13.83 -3.04
N ILE B 209 -2.24 14.18 -3.59
CA ILE B 209 -2.10 15.37 -4.42
C ILE B 209 -1.40 14.97 -5.71
N ALA B 210 -2.06 15.20 -6.85
CA ALA B 210 -1.47 14.91 -8.17
C ALA B 210 -1.00 13.47 -8.27
N GLY B 211 -1.81 12.55 -7.78
CA GLY B 211 -1.52 11.13 -7.88
C GLY B 211 -0.59 10.55 -6.83
N GLU B 212 -0.06 11.37 -5.92
CA GLU B 212 0.96 10.91 -5.00
C GLU B 212 0.63 11.25 -3.55
N PRO B 213 0.91 10.33 -2.60
CA PRO B 213 1.44 8.98 -2.81
C PRO B 213 0.41 8.07 -3.47
N ALA B 214 0.88 7.11 -4.28
CA ALA B 214 -0.07 6.38 -5.12
C ALA B 214 -1.03 5.53 -4.29
N ASN B 215 -0.57 4.97 -3.16
CA ASN B 215 -1.48 4.10 -2.41
C ASN B 215 -2.62 4.91 -1.80
N ILE B 216 -2.34 6.09 -1.25
CA ILE B 216 -3.41 6.90 -0.68
C ILE B 216 -4.31 7.44 -1.78
N TRP B 217 -3.71 7.88 -2.89
CA TRP B 217 -4.50 8.32 -4.03
C TRP B 217 -5.55 7.27 -4.42
N ALA B 218 -5.12 6.00 -4.53
CA ALA B 218 -6.05 4.95 -4.94
C ALA B 218 -7.11 4.68 -3.86
N LEU B 219 -6.69 4.69 -2.59
CA LEU B 219 -7.62 4.44 -1.50
C LEU B 219 -8.70 5.51 -1.43
N VAL B 220 -8.31 6.77 -1.59
CA VAL B 220 -9.26 7.88 -1.51
C VAL B 220 -10.18 7.87 -2.72
N GLU B 221 -9.62 7.64 -3.92
CA GLU B 221 -10.46 7.51 -5.10
C GLU B 221 -11.49 6.40 -4.91
N ALA B 222 -11.08 5.29 -4.30
CA ALA B 222 -11.99 4.17 -4.08
C ALA B 222 -13.15 4.57 -3.16
N TYR B 223 -12.85 5.25 -2.05
CA TYR B 223 -13.99 5.58 -1.20
C TYR B 223 -14.81 6.73 -1.74
N MET B 224 -14.24 7.59 -2.59
CA MET B 224 -15.06 8.59 -3.25
C MET B 224 -16.01 7.94 -4.25
N ASN B 225 -15.53 6.92 -4.96
N ASN B 225 -15.52 6.93 -4.97
CA ASN B 225 -16.41 6.17 -5.85
CA ASN B 225 -16.40 6.16 -5.85
C ASN B 225 -17.51 5.46 -5.06
C ASN B 225 -17.50 5.48 -5.06
N TRP B 226 -17.16 4.90 -3.91
CA TRP B 226 -18.18 4.29 -3.06
C TRP B 226 -19.20 5.35 -2.62
N LEU B 227 -18.74 6.52 -2.21
N LEU B 227 -18.73 6.52 -2.22
CA LEU B 227 -19.66 7.55 -1.75
CA LEU B 227 -19.63 7.60 -1.80
C LEU B 227 -20.63 7.97 -2.85
C LEU B 227 -20.59 7.97 -2.91
N HIS B 228 -20.13 8.05 -4.09
N HIS B 228 -20.10 8.04 -4.15
CA HIS B 228 -20.98 8.46 -5.21
CA HIS B 228 -20.94 8.44 -5.27
C HIS B 228 -22.06 7.43 -5.53
C HIS B 228 -22.06 7.43 -5.53
N GLN B 229 -21.87 6.17 -5.16
CA GLN B 229 -22.86 5.14 -5.39
C GLN B 229 -23.71 4.82 -4.15
N SER B 230 -23.38 5.41 -3.01
CA SER B 230 -24.06 4.96 -1.81
C SER B 230 -25.31 5.80 -1.53
N PRO B 231 -26.42 5.18 -1.15
CA PRO B 231 -27.60 5.95 -0.76
C PRO B 231 -27.56 6.46 0.68
N VAL B 232 -26.46 6.23 1.40
CA VAL B 232 -26.44 6.58 2.82
C VAL B 232 -26.68 8.07 2.98
N PRO B 233 -27.46 8.50 3.97
CA PRO B 233 -27.65 9.95 4.19
C PRO B 233 -26.32 10.62 4.51
N LYS B 234 -26.13 11.80 3.94
CA LYS B 234 -24.86 12.53 4.01
C LYS B 234 -25.13 13.98 4.37
N LEU B 235 -24.25 14.56 5.17
CA LEU B 235 -24.36 15.95 5.61
C LEU B 235 -22.98 16.58 5.54
N LEU B 236 -22.85 17.64 4.74
CA LEU B 236 -21.55 18.29 4.50
C LEU B 236 -21.60 19.73 5.01
N PHE B 237 -20.64 20.08 5.85
CA PHE B 237 -20.46 21.46 6.28
C PHE B 237 -19.29 22.07 5.53
N TRP B 238 -19.45 23.31 5.09
CA TRP B 238 -18.39 23.97 4.35
C TRP B 238 -18.33 25.44 4.75
N GLY B 239 -17.13 26.03 4.61
CA GLY B 239 -16.93 27.43 4.90
C GLY B 239 -16.26 28.13 3.74
N THR B 240 -16.16 29.46 3.85
CA THR B 240 -15.42 30.23 2.86
C THR B 240 -14.20 30.88 3.51
N PRO B 241 -13.01 30.73 2.91
CA PRO B 241 -12.80 30.11 1.60
C PRO B 241 -12.60 28.60 1.63
N GLY B 242 -12.52 28.03 2.82
CA GLY B 242 -12.19 26.62 2.94
C GLY B 242 -10.72 26.39 2.64
N VAL B 243 -10.31 25.12 2.80
CA VAL B 243 -8.96 24.70 2.43
C VAL B 243 -9.06 23.48 1.53
N LEU B 244 -9.48 22.34 2.10
CA LEU B 244 -9.63 21.14 1.28
C LEU B 244 -10.89 21.16 0.44
N ILE B 245 -11.93 21.86 0.90
CA ILE B 245 -13.24 21.85 0.25
C ILE B 245 -13.67 23.29 0.00
N PRO B 246 -13.22 23.89 -1.11
CA PRO B 246 -13.70 25.23 -1.45
C PRO B 246 -15.17 25.20 -1.80
N PRO B 247 -15.84 26.35 -1.81
CA PRO B 247 -17.29 26.35 -2.08
C PRO B 247 -17.67 25.61 -3.36
N ALA B 248 -16.88 25.77 -4.42
CA ALA B 248 -17.21 25.10 -5.69
C ALA B 248 -17.20 23.57 -5.52
N GLU B 249 -16.30 23.07 -4.69
CA GLU B 249 -16.28 21.62 -4.47
C GLU B 249 -17.46 21.17 -3.64
N ALA B 250 -17.87 21.95 -2.65
CA ALA B 250 -19.09 21.62 -1.92
C ALA B 250 -20.27 21.52 -2.87
N ALA B 251 -20.37 22.45 -3.82
CA ALA B 251 -21.50 22.43 -4.74
C ALA B 251 -21.40 21.27 -5.71
N ARG B 252 -20.19 20.93 -6.16
CA ARG B 252 -20.04 19.78 -7.04
C ARG B 252 -20.48 18.50 -6.34
N LEU B 253 -20.16 18.37 -5.05
CA LEU B 253 -20.57 17.19 -4.30
C LEU B 253 -22.07 17.15 -4.10
N ALA B 254 -22.70 18.32 -3.89
CA ALA B 254 -24.14 18.37 -3.72
C ALA B 254 -24.87 17.85 -4.95
N GLU B 255 -24.28 18.01 -6.13
CA GLU B 255 -24.93 17.54 -7.35
C GLU B 255 -24.67 16.07 -7.60
N SER B 256 -23.51 15.55 -7.19
CA SER B 256 -23.09 14.21 -7.57
C SER B 256 -23.33 13.15 -6.49
N LEU B 257 -23.27 13.52 -5.21
CA LEU B 257 -23.44 12.51 -4.15
C LEU B 257 -24.91 12.31 -3.84
N PRO B 258 -25.39 11.07 -3.75
CA PRO B 258 -26.79 10.84 -3.38
C PRO B 258 -27.09 11.29 -1.96
N ASN B 259 -28.28 11.85 -1.77
CA ASN B 259 -28.84 12.09 -0.44
C ASN B 259 -27.94 12.97 0.42
N LEU B 260 -27.42 14.04 -0.18
CA LEU B 260 -26.50 14.94 0.50
C LEU B 260 -27.21 16.25 0.85
N LYS B 261 -27.13 16.63 2.12
CA LYS B 261 -27.50 17.95 2.60
C LYS B 261 -26.23 18.75 2.85
N THR B 262 -26.20 20.00 2.40
CA THR B 262 -25.04 20.85 2.63
C THR B 262 -25.43 22.04 3.50
N VAL B 263 -24.51 22.45 4.38
CA VAL B 263 -24.71 23.55 5.32
C VAL B 263 -23.49 24.46 5.27
N PHE B 264 -23.71 25.74 4.97
CA PHE B 264 -22.66 26.75 5.00
C PHE B 264 -22.49 27.24 6.42
N ILE B 265 -21.25 27.28 6.91
CA ILE B 265 -21.02 27.67 8.30
C ILE B 265 -20.48 29.08 8.45
N GLY B 266 -20.31 29.82 7.35
CA GLY B 266 -19.74 31.14 7.43
C GLY B 266 -18.26 31.12 7.08
N PRO B 267 -17.53 32.14 7.52
CA PRO B 267 -16.07 32.13 7.36
C PRO B 267 -15.48 30.87 7.95
N GLY B 268 -14.58 30.26 7.20
CA GLY B 268 -13.98 29.03 7.66
C GLY B 268 -12.83 28.65 6.76
N LEU B 269 -11.80 28.06 7.34
CA LEU B 269 -10.66 27.58 6.58
C LEU B 269 -10.67 26.06 6.66
N HIS B 270 -9.95 25.47 7.60
CA HIS B 270 -9.92 24.02 7.70
C HIS B 270 -10.57 23.48 8.96
N TYR B 271 -10.28 24.06 10.12
CA TYR B 271 -10.84 23.55 11.38
C TYR B 271 -12.17 24.27 11.64
N LEU B 272 -13.18 23.88 10.85
CA LEU B 272 -14.47 24.57 10.89
C LEU B 272 -15.11 24.46 12.27
N GLN B 273 -14.81 23.37 13.00
CA GLN B 273 -15.35 23.20 14.34
C GLN B 273 -14.93 24.32 15.27
N GLU B 274 -13.79 24.97 14.99
CA GLU B 274 -13.32 26.04 15.83
C GLU B 274 -13.90 27.40 15.46
N ASP B 275 -14.52 27.49 14.29
CA ASP B 275 -15.12 28.75 13.87
C ASP B 275 -16.63 28.78 14.09
N ASN B 276 -17.35 27.65 13.92
CA ASN B 276 -18.80 27.68 14.16
C ASN B 276 -19.28 26.35 14.73
N PRO B 277 -18.82 25.97 15.93
CA PRO B 277 -19.26 24.69 16.50
C PRO B 277 -20.74 24.62 16.79
N ASP B 278 -21.37 25.75 17.10
CA ASP B 278 -22.78 25.68 17.50
C ASP B 278 -23.67 25.36 16.31
N LEU B 279 -23.38 25.94 15.13
CA LEU B 279 -24.16 25.55 13.94
C LEU B 279 -23.87 24.11 13.54
N ILE B 280 -22.61 23.68 13.60
CA ILE B 280 -22.29 22.30 13.24
C ILE B 280 -22.99 21.33 14.17
N GLY B 281 -22.89 21.57 15.48
CA GLY B 281 -23.52 20.66 16.42
C GLY B 281 -25.03 20.65 16.33
N SER B 282 -25.63 21.85 16.22
CA SER B 282 -27.08 21.92 16.18
C SER B 282 -27.64 21.31 14.90
N GLU B 283 -26.93 21.49 13.78
CA GLU B 283 -27.40 20.91 12.53
C GLU B 283 -27.25 19.39 12.53
N ILE B 284 -26.17 18.85 13.10
CA ILE B 284 -26.08 17.39 13.23
C ILE B 284 -27.23 16.87 14.07
N ALA B 285 -27.51 17.55 15.18
CA ALA B 285 -28.59 17.11 16.07
C ALA B 285 -29.94 17.13 15.36
N ARG B 286 -30.16 18.12 14.50
CA ARG B 286 -31.43 18.21 13.78
C ARG B 286 -31.53 17.15 12.68
N TRP B 287 -30.40 16.70 12.17
CA TRP B 287 -30.35 15.77 11.04
C TRP B 287 -30.48 14.32 11.49
N LEU B 288 -30.01 14.00 12.71
CA LEU B 288 -30.03 12.62 13.17
C LEU B 288 -31.42 11.98 13.21
N PRO B 289 -32.50 12.68 13.58
CA PRO B 289 -33.82 12.03 13.54
C PRO B 289 -34.21 11.53 12.16
N ALA B 290 -33.84 12.25 11.10
CA ALA B 290 -34.18 11.80 9.75
C ALA B 290 -33.57 10.44 9.40
N LEU B 291 -32.55 10.00 10.14
CA LEU B 291 -31.92 8.72 9.85
C LEU B 291 -32.82 7.56 10.29
C1 B3P C . -3.07 -23.48 6.60
C2 B3P C . -1.75 -23.97 7.26
C3 B3P C . -3.16 -23.78 5.08
N1 B3P C . -4.41 -23.15 4.59
C4 B3P C . -4.66 -23.37 3.15
C5 B3P C . -6.02 -22.74 2.84
C6 B3P C . -3.57 -22.70 2.32
C7 B3P C . -4.68 -24.87 2.81
N2 B3P C . -1.81 -23.68 8.70
C8 B3P C . -0.65 -24.22 9.43
C9 B3P C . -0.58 -25.74 9.29
C10 B3P C . 0.66 -23.63 8.92
C11 B3P C . -0.82 -23.87 10.90
O1 B3P C . -1.87 -26.27 9.53
O2 B3P C . 0.49 -22.23 8.82
O3 B3P C . -2.12 -24.23 11.26
O4 B3P C . -6.25 -22.80 1.46
O5 B3P C . -3.41 -21.40 2.79
O6 B3P C . -5.58 -25.54 3.66
S SCN D . 1.03 -13.25 -9.66
C SCN D . 2.20 -12.70 -10.88
N SCN D . 2.90 -12.34 -11.66
S SCN E . 24.69 -25.27 -18.43
C SCN E . 23.98 -26.31 -19.72
N SCN E . 23.55 -26.97 -20.54
S SCN F . 10.04 -4.34 -30.89
C SCN F . 11.63 -4.71 -31.63
N SCN F . 12.65 -4.95 -32.11
C1 B3P G . 9.75 2.00 12.69
C2 B3P G . 8.79 0.94 13.31
C3 B3P G . 9.49 3.47 13.17
N1 B3P G . 10.26 4.37 12.28
C4 B3P G . 10.17 5.79 12.67
C5 B3P G . 11.20 6.53 11.81
C6 B3P G . 8.74 6.31 12.44
C7 B3P G . 10.49 5.96 14.15
N2 B3P G . 9.28 -0.39 12.90
C8 B3P G . 8.47 -1.49 13.42
C9 B3P G . 8.69 -1.62 14.94
C10 B3P G . 6.98 -1.27 13.17
C11 B3P G . 8.93 -2.77 12.74
O1 B3P G . 10.07 -1.66 15.17
O2 B3P G . 6.74 -1.15 11.80
O3 B3P G . 8.20 -3.85 13.27
O4 B3P G . 10.86 7.89 11.70
O5 B3P G . 8.32 5.95 11.15
O6 B3P G . 11.77 5.45 14.40
C1 GOL H . 2.27 12.20 27.47
O1 GOL H . 2.68 11.04 26.79
C2 GOL H . 1.73 13.20 26.45
O2 GOL H . 0.68 12.58 25.76
C3 GOL H . 1.16 14.46 27.11
O3 GOL H . 2.17 15.43 27.23
S SCN I . -11.84 3.48 30.98
C SCN I . -13.62 3.36 30.72
N SCN I . -14.74 3.28 30.55
S SCN J . -21.91 16.44 26.51
C SCN J . -21.38 17.80 27.55
N SCN J . -21.06 18.66 28.22
S SCN K . -2.06 16.76 6.84
C SCN K . -3.67 17.53 6.80
N SCN K . -4.65 18.03 6.75
#